data_3FPE
#
_entry.id   3FPE
#
_cell.length_a   64.410
_cell.length_b   68.280
_cell.length_c   147.540
_cell.angle_alpha   90.000
_cell.angle_beta   90.000
_cell.angle_gamma   90.000
#
_symmetry.space_group_name_H-M   'P 21 21 21'
#
loop_
_entity.id
_entity.type
_entity.pdbx_description
1 polymer 'Putative uncharacterized protein'
2 non-polymer 'N-[(3S)-3-{[(3S)-3-amino-3-carboxypropyl]amino}-3-carboxypropyl]-L-glutamic acid'
3 non-polymer 'BROMIDE ION'
4 water water
#
_entity_poly.entity_id   1
_entity_poly.type   'polypeptide(L)'
_entity_poly.pdbx_seq_one_letter_code
;MSCYIYWDKIKRIASRLEGMNYHFDEMDTSGVMPLLDEIEEIAHDSTIDFESAKHILDDAEMNHALSLIRKFYVNLGMKL
EMEKAQEVIESDSPWETLRSFYFYPRYLELLKNEAALGRFRRGERAVFIGGGPLPLTGILLSHVYGMRVNVVEIEPDIAE
LSRKVIEGLGVDGVNVITGDETVIDGLEFDVLMVAALAEPKRRVFRNIHRYVDTETRIIYRTYTGMRAILYAPVSDDDIT
GFRRAGVVLPSGKVNNTSVLVFKCPDKGELNSKLEGKPIPNPLLGLDSTRTGHHHHHH
;
_entity_poly.pdbx_strand_id   A,B
#
loop_
_chem_comp.id
_chem_comp.type
_chem_comp.name
_chem_comp.formula
BR non-polymer 'BROMIDE ION' 'Br -1'
TNA non-polymer 'N-[(3S)-3-{[(3S)-3-amino-3-carboxypropyl]amino}-3-carboxypropyl]-L-glutamic acid' 'C13 H23 N3 O8'
#
# COMPACT_ATOMS: atom_id res chain seq x y z
N SER A 2 -0.11 -12.25 16.15
CA SER A 2 -0.98 -12.75 15.03
C SER A 2 -1.03 -14.25 14.65
N CYS A 3 -1.98 -14.55 13.76
CA CYS A 3 -2.43 -15.92 13.55
C CYS A 3 -3.06 -16.18 12.16
N TYR A 4 -2.41 -15.71 11.11
CA TYR A 4 -2.92 -15.84 9.74
C TYR A 4 -2.85 -17.28 9.24
N ILE A 5 -3.90 -17.75 8.58
CA ILE A 5 -3.91 -19.12 8.06
C ILE A 5 -2.76 -19.34 7.06
N TYR A 6 -2.36 -18.26 6.37
CA TYR A 6 -1.32 -18.37 5.33
C TYR A 6 0.06 -18.69 5.90
N TRP A 7 0.29 -18.36 7.16
CA TRP A 7 1.57 -18.62 7.81
C TRP A 7 1.91 -20.13 7.75
N ASP A 8 1.02 -20.95 8.30
CA ASP A 8 1.19 -22.41 8.24
C ASP A 8 1.23 -22.96 6.82
N LYS A 9 0.39 -22.42 5.92
CA LYS A 9 0.41 -22.86 4.52
C LYS A 9 1.79 -22.63 3.89
N ILE A 10 2.37 -21.45 4.15
CA ILE A 10 3.72 -21.14 3.66
C ILE A 10 4.79 -22.06 4.26
N LYS A 11 4.74 -22.25 5.58
CA LYS A 11 5.71 -23.13 6.25
C LYS A 11 5.62 -24.53 5.66
N ARG A 12 4.40 -24.99 5.41
CA ARG A 12 4.23 -26.34 4.81
C ARG A 12 4.82 -26.49 3.40
N ILE A 13 4.53 -25.52 2.51
CA ILE A 13 5.14 -25.54 1.21
C ILE A 13 6.66 -25.54 1.33
N ALA A 14 7.19 -24.67 2.19
CA ALA A 14 8.63 -24.55 2.38
C ALA A 14 9.25 -25.88 2.83
N SER A 15 8.53 -26.60 3.70
CA SER A 15 9.01 -27.89 4.18
C SER A 15 9.23 -28.88 3.03
N ARG A 16 8.49 -28.73 1.93
CA ARG A 16 8.62 -29.63 0.79
C ARG A 16 9.64 -29.12 -0.24
N LEU A 17 10.19 -27.94 0.03
CA LEU A 17 11.32 -27.38 -0.75
C LEU A 17 12.70 -27.60 -0.11
N GLU A 18 12.73 -27.82 1.21
CA GLU A 18 13.96 -27.93 1.97
C GLU A 18 14.95 -28.91 1.32
N GLY A 19 14.43 -30.05 0.88
CA GLY A 19 15.25 -31.13 0.30
C GLY A 19 15.88 -30.82 -1.03
N MET A 20 15.44 -29.74 -1.67
CA MET A 20 16.06 -29.22 -2.90
C MET A 20 17.08 -28.07 -2.63
N ASN A 21 17.22 -27.64 -1.37
CA ASN A 21 18.04 -26.44 -1.07
C ASN A 21 19.46 -26.54 -1.64
N TYR A 22 19.93 -25.42 -2.18
CA TYR A 22 21.26 -25.29 -2.81
C TYR A 22 21.39 -26.08 -4.10
N HIS A 23 20.28 -26.67 -4.57
CA HIS A 23 20.30 -27.44 -5.83
C HIS A 23 19.04 -27.27 -6.66
N PHE A 24 18.36 -26.13 -6.49
CA PHE A 24 17.13 -25.84 -7.21
C PHE A 24 17.34 -25.77 -8.72
N ASP A 25 18.56 -25.51 -9.16
CA ASP A 25 18.80 -25.44 -10.61
C ASP A 25 18.66 -26.80 -11.29
N GLU A 26 18.61 -27.86 -10.47
CA GLU A 26 18.46 -29.24 -10.96
C GLU A 26 17.00 -29.68 -11.09
N MET A 27 16.06 -28.77 -10.78
CA MET A 27 14.62 -29.04 -10.85
C MET A 27 14.19 -29.53 -12.22
N ASP A 28 13.22 -30.45 -12.22
CA ASP A 28 12.49 -30.85 -13.41
C ASP A 28 11.32 -29.88 -13.58
N THR A 29 11.39 -29.10 -14.64
CA THR A 29 10.48 -28.01 -14.90
C THR A 29 9.00 -28.39 -14.93
N SER A 30 8.67 -29.41 -15.72
CA SER A 30 7.29 -29.87 -15.77
C SER A 30 6.84 -30.42 -14.42
N GLY A 31 7.72 -31.16 -13.76
CA GLY A 31 7.43 -31.86 -12.50
C GLY A 31 7.09 -30.95 -11.33
N VAL A 32 7.61 -29.71 -11.37
CA VAL A 32 7.44 -28.79 -10.25
C VAL A 32 6.39 -27.69 -10.48
N MET A 33 5.69 -27.74 -11.61
CA MET A 33 4.64 -26.74 -11.84
C MET A 33 3.55 -26.76 -10.74
N PRO A 34 3.11 -27.96 -10.27
CA PRO A 34 2.16 -27.90 -9.14
C PRO A 34 2.63 -27.08 -7.92
N LEU A 35 3.93 -27.14 -7.61
CA LEU A 35 4.50 -26.35 -6.50
C LEU A 35 4.40 -24.85 -6.77
N LEU A 36 4.70 -24.45 -8.00
CA LEU A 36 4.50 -23.04 -8.38
C LEU A 36 3.01 -22.66 -8.20
N ASP A 37 2.09 -23.53 -8.60
CA ASP A 37 0.66 -23.27 -8.40
C ASP A 37 0.34 -23.01 -6.93
N GLU A 38 0.86 -23.85 -6.04
CA GLU A 38 0.63 -23.70 -4.58
C GLU A 38 1.08 -22.32 -4.11
N ILE A 39 2.28 -21.94 -4.54
CA ILE A 39 2.89 -20.70 -4.12
C ILE A 39 2.09 -19.53 -4.68
N GLU A 40 1.72 -19.63 -5.95
CA GLU A 40 0.95 -18.55 -6.60
C GLU A 40 -0.48 -18.37 -6.07
N GLU A 41 -1.08 -19.45 -5.54
CA GLU A 41 -2.40 -19.35 -4.90
C GLU A 41 -2.38 -18.36 -3.73
N ILE A 42 -1.27 -18.36 -3.01
CA ILE A 42 -1.06 -17.48 -1.87
C ILE A 42 -0.65 -16.09 -2.39
N ALA A 43 0.32 -16.06 -3.28
CA ALA A 43 0.83 -14.79 -3.81
C ALA A 43 -0.29 -13.93 -4.41
N HIS A 44 -1.20 -14.60 -5.13
CA HIS A 44 -2.25 -13.95 -5.93
C HIS A 44 -3.58 -13.74 -5.18
N ASP A 45 -3.62 -14.10 -3.90
CA ASP A 45 -4.84 -13.98 -3.11
C ASP A 45 -5.16 -12.50 -2.82
N SER A 46 -6.20 -11.98 -3.45
CA SER A 46 -6.52 -10.55 -3.32
C SER A 46 -7.16 -10.14 -1.98
N THR A 47 -7.45 -11.11 -1.11
CA THR A 47 -7.97 -10.81 0.23
C THR A 47 -6.85 -10.51 1.23
N ILE A 48 -5.60 -10.79 0.86
CA ILE A 48 -4.49 -10.47 1.74
C ILE A 48 -4.09 -9.02 1.53
N ASP A 49 -4.29 -8.20 2.56
CA ASP A 49 -3.91 -6.80 2.48
C ASP A 49 -2.40 -6.65 2.61
N PHE A 50 -1.89 -5.50 2.17
CA PHE A 50 -0.44 -5.29 2.13
C PHE A 50 0.18 -5.27 3.53
N GLU A 51 -0.53 -4.75 4.53
CA GLU A 51 -0.02 -4.76 5.91
C GLU A 51 0.13 -6.19 6.47
N SER A 52 -0.82 -7.05 6.18
CA SER A 52 -0.78 -8.46 6.62
C SER A 52 0.34 -9.21 5.90
N ALA A 53 0.55 -8.89 4.63
CA ALA A 53 1.62 -9.54 3.86
C ALA A 53 2.96 -9.19 4.47
N LYS A 54 3.15 -7.91 4.78
CA LYS A 54 4.37 -7.44 5.39
C LYS A 54 4.59 -8.08 6.76
N HIS A 55 3.50 -8.23 7.52
CA HIS A 55 3.55 -8.88 8.83
C HIS A 55 4.19 -10.27 8.71
N ILE A 56 3.67 -11.04 7.75
CA ILE A 56 4.13 -12.42 7.50
C ILE A 56 5.57 -12.45 6.98
N LEU A 57 5.86 -11.65 5.96
CA LEU A 57 7.12 -11.77 5.23
C LEU A 57 8.32 -11.20 5.96
N ASP A 58 8.05 -10.25 6.85
CA ASP A 58 9.08 -9.64 7.67
C ASP A 58 9.35 -10.34 9.02
N ASP A 59 8.51 -11.29 9.42
CA ASP A 59 8.72 -12.00 10.69
C ASP A 59 10.02 -12.83 10.62
N ALA A 60 10.89 -12.70 11.63
CA ALA A 60 12.18 -13.45 11.62
C ALA A 60 12.00 -14.98 11.49
N GLU A 61 10.91 -15.50 12.05
CA GLU A 61 10.61 -16.93 12.03
C GLU A 61 10.26 -17.41 10.62
N MET A 62 10.05 -16.46 9.72
CA MET A 62 9.72 -16.76 8.32
C MET A 62 10.95 -16.67 7.40
N ASN A 63 12.08 -16.19 7.92
CA ASN A 63 13.24 -15.97 7.08
C ASN A 63 13.65 -17.19 6.23
N HIS A 64 13.75 -18.35 6.86
CA HIS A 64 14.27 -19.52 6.16
C HIS A 64 13.28 -20.00 5.10
N ALA A 65 11.98 -20.06 5.46
CA ALA A 65 10.92 -20.47 4.52
C ALA A 65 10.88 -19.54 3.32
N LEU A 66 10.98 -18.24 3.60
CA LEU A 66 10.99 -17.24 2.53
C LEU A 66 12.18 -17.46 1.58
N SER A 67 13.36 -17.74 2.14
CA SER A 67 14.55 -17.99 1.31
C SER A 67 14.36 -19.19 0.38
N LEU A 68 13.76 -20.26 0.88
CA LEU A 68 13.52 -21.44 0.06
C LEU A 68 12.57 -21.14 -1.10
N ILE A 69 11.48 -20.46 -0.78
CA ILE A 69 10.48 -20.12 -1.80
C ILE A 69 11.09 -19.21 -2.87
N ARG A 70 11.88 -18.23 -2.45
CA ARG A 70 12.51 -17.34 -3.42
C ARG A 70 13.52 -18.09 -4.30
N LYS A 71 14.31 -18.99 -3.72
CA LYS A 71 15.27 -19.78 -4.52
C LYS A 71 14.53 -20.64 -5.55
N PHE A 72 13.45 -21.28 -5.12
CA PHE A 72 12.66 -22.08 -6.03
C PHE A 72 12.13 -21.26 -7.21
N TYR A 73 11.55 -20.11 -6.88
CA TYR A 73 10.94 -19.22 -7.87
C TYR A 73 11.95 -18.73 -8.90
N VAL A 74 13.12 -18.27 -8.46
CA VAL A 74 14.08 -17.69 -9.40
C VAL A 74 14.66 -18.79 -10.31
N ASN A 75 14.89 -19.97 -9.76
CA ASN A 75 15.43 -21.06 -10.55
C ASN A 75 14.42 -21.63 -11.55
N LEU A 76 13.15 -21.71 -11.15
CA LEU A 76 12.11 -22.19 -12.07
C LEU A 76 11.93 -21.22 -13.23
N GLY A 77 11.88 -19.92 -12.92
CA GLY A 77 11.72 -18.89 -13.95
C GLY A 77 12.84 -18.95 -14.96
N MET A 78 14.07 -19.03 -14.45
CA MET A 78 15.23 -19.07 -15.36
C MET A 78 15.20 -20.28 -16.29
N LYS A 79 14.88 -21.44 -15.73
CA LYS A 79 14.86 -22.67 -16.49
C LYS A 79 13.75 -22.69 -17.54
N LEU A 80 12.58 -22.16 -17.18
CA LEU A 80 11.45 -22.05 -18.11
C LEU A 80 11.80 -21.17 -19.31
N GLU A 81 12.46 -20.03 -19.03
CA GLU A 81 12.89 -19.12 -20.12
C GLU A 81 13.93 -19.79 -21.02
N MET A 82 14.92 -20.44 -20.40
CA MET A 82 15.98 -21.11 -21.15
C MET A 82 15.36 -22.17 -22.06
N GLU A 83 14.45 -22.98 -21.52
CA GLU A 83 13.86 -24.07 -22.30
C GLU A 83 13.03 -23.54 -23.46
N LYS A 84 12.29 -22.47 -23.22
CA LYS A 84 11.44 -21.90 -24.25
C LYS A 84 12.29 -21.25 -25.35
N ALA A 85 13.36 -20.55 -24.95
CA ALA A 85 14.28 -19.96 -25.95
C ALA A 85 14.77 -21.02 -26.92
N GLN A 86 15.24 -22.15 -26.38
CA GLN A 86 15.73 -23.23 -27.23
C GLN A 86 14.62 -23.81 -28.13
N GLU A 87 13.41 -23.98 -27.57
CA GLU A 87 12.25 -24.44 -28.33
C GLU A 87 11.90 -23.50 -29.50
N VAL A 88 11.92 -22.20 -29.24
CA VAL A 88 11.60 -21.18 -30.27
C VAL A 88 12.58 -21.25 -31.45
N ILE A 89 13.87 -21.35 -31.13
CA ILE A 89 14.94 -21.41 -32.16
C ILE A 89 14.79 -22.67 -33.02
N GLU A 90 14.34 -23.76 -32.41
CA GLU A 90 14.17 -25.05 -33.12
C GLU A 90 12.81 -25.22 -33.81
N SER A 91 11.90 -24.27 -33.62
CA SER A 91 10.52 -24.41 -34.11
C SER A 91 10.26 -23.91 -35.55
N ASP A 92 9.42 -24.65 -36.27
CA ASP A 92 8.87 -24.22 -37.57
C ASP A 92 7.83 -23.12 -37.43
N SER A 93 7.18 -23.06 -36.27
CA SER A 93 6.17 -22.02 -35.98
C SER A 93 6.61 -21.23 -34.76
N PRO A 94 7.67 -20.40 -34.90
CA PRO A 94 8.22 -19.79 -33.68
C PRO A 94 7.25 -18.91 -32.90
N TRP A 95 6.41 -18.12 -33.58
CA TRP A 95 5.48 -17.25 -32.85
C TRP A 95 4.43 -18.07 -32.07
N GLU A 96 3.96 -19.17 -32.67
CA GLU A 96 3.02 -20.05 -31.95
C GLU A 96 3.70 -20.67 -30.73
N THR A 97 4.90 -21.19 -30.94
CA THR A 97 5.72 -21.74 -29.86
C THR A 97 5.92 -20.69 -28.75
N LEU A 98 6.24 -19.46 -29.14
CA LEU A 98 6.44 -18.40 -28.17
C LEU A 98 5.14 -18.14 -27.36
N ARG A 99 4.01 -18.09 -28.06
CA ARG A 99 2.71 -17.84 -27.43
C ARG A 99 2.29 -18.92 -26.43
N SER A 100 2.87 -20.11 -26.52
CA SER A 100 2.60 -21.19 -25.56
C SER A 100 3.45 -21.08 -24.27
N PHE A 101 4.39 -20.13 -24.23
CA PHE A 101 5.18 -19.89 -23.01
C PHE A 101 4.24 -19.70 -21.80
N TYR A 102 4.53 -20.41 -20.71
CA TYR A 102 3.64 -20.41 -19.53
C TYR A 102 3.24 -19.00 -19.08
N PHE A 103 4.20 -18.06 -19.12
CA PHE A 103 3.99 -16.69 -18.66
C PHE A 103 3.59 -15.68 -19.77
N TYR A 104 3.43 -16.14 -21.00
CA TYR A 104 3.17 -15.22 -22.13
C TYR A 104 2.00 -14.26 -21.86
N PRO A 105 0.82 -14.79 -21.48
CA PRO A 105 -0.30 -13.87 -21.21
C PRO A 105 -0.02 -12.79 -20.17
N ARG A 106 0.72 -13.12 -19.11
CA ARG A 106 1.02 -12.11 -18.08
C ARG A 106 1.89 -10.99 -18.64
N TYR A 107 2.85 -11.38 -19.48
CA TYR A 107 3.73 -10.41 -20.10
C TYR A 107 2.95 -9.40 -20.94
N LEU A 108 1.91 -9.87 -21.64
CA LEU A 108 1.10 -8.96 -22.46
C LEU A 108 0.44 -7.92 -21.55
N GLU A 109 -0.03 -8.37 -20.37
CA GLU A 109 -0.72 -7.49 -19.44
C GLU A 109 0.26 -6.54 -18.75
N LEU A 110 1.40 -7.10 -18.36
CA LEU A 110 2.47 -6.35 -17.73
C LEU A 110 2.87 -5.21 -18.66
N LEU A 111 3.09 -5.54 -19.94
CA LEU A 111 3.53 -4.53 -20.90
C LEU A 111 2.49 -3.45 -21.16
N LYS A 112 1.23 -3.88 -21.27
CA LYS A 112 0.10 -2.96 -21.38
C LYS A 112 0.09 -1.97 -20.22
N ASN A 113 0.24 -2.46 -18.97
CA ASN A 113 0.41 -1.62 -17.76
C ASN A 113 1.55 -0.59 -17.92
N GLU A 114 2.71 -1.08 -18.37
CA GLU A 114 3.92 -0.28 -18.45
C GLU A 114 3.85 0.81 -19.54
N ALA A 115 3.22 0.45 -20.65
CA ALA A 115 3.05 1.34 -21.79
C ALA A 115 2.18 2.53 -21.43
N ALA A 116 1.15 2.30 -20.63
CA ALA A 116 0.34 3.42 -20.11
C ALA A 116 1.14 4.27 -19.15
N LEU A 117 1.80 3.61 -18.20
CA LEU A 117 2.59 4.29 -17.18
C LEU A 117 3.68 5.17 -17.80
N GLY A 118 4.35 4.64 -18.83
CA GLY A 118 5.50 5.30 -19.44
C GLY A 118 5.15 6.05 -20.72
N ARG A 119 3.86 6.05 -21.06
CA ARG A 119 3.33 6.72 -22.26
C ARG A 119 4.12 6.38 -23.54
N PHE A 120 4.25 5.09 -23.85
CA PHE A 120 5.07 4.64 -24.99
C PHE A 120 4.48 5.05 -26.32
N ARG A 121 5.32 5.54 -27.24
CA ARG A 121 4.85 5.90 -28.58
C ARG A 121 5.71 5.24 -29.66
N ARG A 122 5.11 4.98 -30.81
CA ARG A 122 5.84 4.41 -31.96
C ARG A 122 7.05 5.27 -32.32
N GLY A 123 8.17 4.59 -32.62
CA GLY A 123 9.44 5.25 -32.94
C GLY A 123 10.26 5.74 -31.75
N GLU A 124 9.70 5.70 -30.55
CA GLU A 124 10.51 6.04 -29.37
C GLU A 124 11.57 4.94 -29.19
N ARG A 125 12.65 5.30 -28.53
CA ARG A 125 13.82 4.42 -28.38
C ARG A 125 13.81 3.89 -26.96
N ALA A 126 13.85 2.57 -26.85
CA ALA A 126 13.82 1.90 -25.55
C ALA A 126 15.12 1.12 -25.34
N VAL A 127 15.61 1.11 -24.11
CA VAL A 127 16.70 0.21 -23.69
C VAL A 127 16.15 -0.64 -22.55
N PHE A 128 16.38 -1.96 -22.64
CA PHE A 128 15.91 -2.87 -21.59
C PHE A 128 17.13 -3.53 -20.98
N ILE A 129 17.28 -3.39 -19.67
CA ILE A 129 18.44 -3.97 -18.98
C ILE A 129 18.04 -5.30 -18.34
N GLY A 130 18.70 -6.37 -18.79
CA GLY A 130 18.49 -7.73 -18.25
C GLY A 130 17.64 -8.60 -19.15
N GLY A 131 18.02 -8.68 -20.41
CA GLY A 131 17.25 -9.42 -21.41
C GLY A 131 17.00 -10.88 -21.08
N GLY A 132 18.01 -11.59 -20.60
CA GLY A 132 17.87 -13.06 -20.42
C GLY A 132 17.85 -13.82 -21.76
N PRO A 133 17.67 -15.16 -21.70
CA PRO A 133 17.63 -15.98 -22.93
C PRO A 133 16.40 -15.77 -23.84
N LEU A 134 15.29 -15.32 -23.24
CA LEU A 134 14.04 -15.13 -23.96
C LEU A 134 13.62 -13.65 -23.78
N PRO A 135 14.09 -12.77 -24.68
CA PRO A 135 13.92 -11.32 -24.45
C PRO A 135 12.51 -10.81 -24.84
N LEU A 136 11.50 -11.36 -24.16
CA LEU A 136 10.10 -11.13 -24.50
C LEU A 136 9.72 -9.66 -24.41
N THR A 137 10.18 -8.96 -23.37
CA THR A 137 9.81 -7.56 -23.25
C THR A 137 10.32 -6.79 -24.46
N GLY A 138 11.61 -6.96 -24.79
CA GLY A 138 12.19 -6.34 -25.99
C GLY A 138 11.38 -6.63 -27.24
N ILE A 139 11.09 -7.91 -27.45
CA ILE A 139 10.29 -8.34 -28.59
C ILE A 139 8.95 -7.58 -28.65
N LEU A 140 8.23 -7.50 -27.53
CA LEU A 140 6.91 -6.83 -27.51
C LEU A 140 7.02 -5.33 -27.67
N LEU A 141 8.08 -4.73 -27.14
CA LEU A 141 8.27 -3.29 -27.26
C LEU A 141 8.27 -2.91 -28.74
N SER A 142 8.95 -3.70 -29.54
CA SER A 142 8.96 -3.48 -30.99
C SER A 142 7.66 -3.98 -31.66
N HIS A 143 7.33 -5.24 -31.39
CA HIS A 143 6.23 -5.92 -32.09
C HIS A 143 4.88 -5.27 -31.81
N VAL A 144 4.62 -4.91 -30.56
CA VAL A 144 3.33 -4.29 -30.20
C VAL A 144 3.41 -2.77 -30.24
N TYR A 145 4.47 -2.18 -29.69
CA TYR A 145 4.48 -0.76 -29.39
C TYR A 145 5.26 0.10 -30.40
N GLY A 146 5.86 -0.59 -31.37
CA GLY A 146 6.62 0.06 -32.46
C GLY A 146 7.83 0.84 -32.00
N MET A 147 8.42 0.42 -30.88
CA MET A 147 9.61 1.09 -30.40
C MET A 147 10.88 0.48 -31.01
N ARG A 148 11.93 1.29 -31.03
CA ARG A 148 13.26 0.84 -31.48
C ARG A 148 14.01 0.43 -30.20
N VAL A 149 14.60 -0.78 -30.18
CA VAL A 149 14.99 -1.38 -28.91
C VAL A 149 16.42 -1.89 -28.88
N ASN A 150 17.16 -1.56 -27.81
CA ASN A 150 18.41 -2.24 -27.48
C ASN A 150 18.19 -2.99 -26.18
N VAL A 151 18.39 -4.30 -26.21
CA VAL A 151 18.31 -5.14 -25.00
C VAL A 151 19.74 -5.37 -24.52
N VAL A 152 19.98 -5.24 -23.22
CA VAL A 152 21.32 -5.39 -22.70
C VAL A 152 21.38 -6.70 -21.89
N GLU A 153 22.41 -7.51 -22.13
CA GLU A 153 22.54 -8.82 -21.46
C GLU A 153 24.02 -9.05 -21.08
N ILE A 154 24.29 -9.33 -19.80
CA ILE A 154 25.66 -9.33 -19.32
C ILE A 154 26.44 -10.58 -19.74
N GLU A 155 25.72 -11.70 -19.92
CA GLU A 155 26.33 -13.01 -20.23
C GLU A 155 26.42 -13.28 -21.73
N PRO A 156 27.67 -13.34 -22.27
CA PRO A 156 27.83 -13.52 -23.71
C PRO A 156 27.03 -14.68 -24.33
N ASP A 157 26.99 -15.84 -23.67
CA ASP A 157 26.32 -17.01 -24.26
C ASP A 157 24.81 -16.85 -24.25
N ILE A 158 24.29 -16.22 -23.19
CA ILE A 158 22.87 -15.89 -23.07
C ILE A 158 22.51 -14.84 -24.12
N ALA A 159 23.35 -13.80 -24.26
CA ALA A 159 23.13 -12.82 -25.32
C ALA A 159 23.01 -13.47 -26.71
N GLU A 160 23.93 -14.37 -27.02
CA GLU A 160 23.92 -15.05 -28.32
C GLU A 160 22.64 -15.85 -28.56
N LEU A 161 22.18 -16.55 -27.53
CA LEU A 161 20.91 -17.30 -27.58
C LEU A 161 19.75 -16.37 -27.86
N SER A 162 19.71 -15.27 -27.12
CA SER A 162 18.60 -14.31 -27.22
C SER A 162 18.53 -13.69 -28.64
N ARG A 163 19.69 -13.46 -29.27
CA ARG A 163 19.70 -12.93 -30.63
C ARG A 163 19.07 -13.95 -31.57
N LYS A 164 19.36 -15.21 -31.35
CA LYS A 164 18.82 -16.28 -32.17
C LYS A 164 17.28 -16.40 -32.03
N VAL A 165 16.75 -16.07 -30.85
CA VAL A 165 15.30 -16.08 -30.63
C VAL A 165 14.66 -14.94 -31.44
N ILE A 166 15.23 -13.74 -31.31
CA ILE A 166 14.78 -12.56 -32.05
C ILE A 166 14.77 -12.85 -33.57
N GLU A 167 15.83 -13.46 -34.05
CA GLU A 167 16.00 -13.68 -35.50
C GLU A 167 15.01 -14.74 -35.98
N GLY A 168 14.87 -15.82 -35.20
CA GLY A 168 13.89 -16.89 -35.46
C GLY A 168 12.47 -16.37 -35.65
N LEU A 169 12.09 -15.39 -34.83
CA LEU A 169 10.76 -14.82 -34.88
C LEU A 169 10.59 -13.83 -36.02
N GLY A 170 11.72 -13.36 -36.56
CA GLY A 170 11.70 -12.33 -37.60
C GLY A 170 11.26 -10.97 -37.12
N VAL A 171 11.57 -10.68 -35.86
CA VAL A 171 11.23 -9.40 -35.27
C VAL A 171 12.28 -8.36 -35.66
N ASP A 172 11.80 -7.19 -36.08
CA ASP A 172 12.66 -6.07 -36.46
C ASP A 172 12.82 -5.04 -35.34
N GLY A 173 13.93 -4.32 -35.38
CA GLY A 173 14.17 -3.18 -34.52
C GLY A 173 14.51 -3.58 -33.10
N VAL A 174 14.98 -4.81 -32.94
CA VAL A 174 15.43 -5.32 -31.61
C VAL A 174 16.82 -5.90 -31.74
N ASN A 175 17.75 -5.25 -31.06
CA ASN A 175 19.15 -5.61 -31.07
C ASN A 175 19.57 -5.97 -29.64
N VAL A 176 20.49 -6.93 -29.48
CA VAL A 176 21.02 -7.28 -28.17
C VAL A 176 22.46 -6.80 -28.07
N ILE A 177 22.75 -6.03 -27.01
CA ILE A 177 24.11 -5.59 -26.68
C ILE A 177 24.68 -6.41 -25.52
N THR A 178 25.79 -7.08 -25.75
CA THR A 178 26.47 -7.77 -24.64
C THR A 178 27.25 -6.79 -23.74
N GLY A 179 26.88 -6.74 -22.47
CA GLY A 179 27.58 -5.88 -21.52
C GLY A 179 26.82 -5.65 -20.25
N ASP A 180 27.42 -4.83 -19.38
CA ASP A 180 26.76 -4.43 -18.15
C ASP A 180 25.95 -3.16 -18.43
N GLU A 181 25.30 -2.63 -17.39
CA GLU A 181 24.38 -1.49 -17.52
C GLU A 181 25.09 -0.23 -18.03
N THR A 182 26.42 -0.22 -17.92
CA THR A 182 27.25 0.92 -18.24
C THR A 182 27.33 1.16 -19.76
N VAL A 183 26.91 0.15 -20.54
CA VAL A 183 26.84 0.34 -22.01
C VAL A 183 25.86 1.43 -22.42
N ILE A 184 24.94 1.83 -21.52
CA ILE A 184 24.00 2.92 -21.86
C ILE A 184 24.70 4.27 -22.03
N ASP A 185 25.96 4.38 -21.59
CA ASP A 185 26.72 5.64 -21.77
C ASP A 185 26.75 6.07 -23.27
N GLY A 186 26.92 5.10 -24.16
CA GLY A 186 27.00 5.41 -25.61
C GLY A 186 25.71 5.27 -26.38
N LEU A 187 24.59 5.17 -25.65
CA LEU A 187 23.25 5.09 -26.26
C LEU A 187 22.48 6.39 -26.08
N GLU A 188 21.51 6.62 -26.97
CA GLU A 188 20.58 7.74 -26.89
C GLU A 188 19.20 7.11 -26.85
N PHE A 189 18.41 7.45 -25.83
CA PHE A 189 17.15 6.73 -25.63
C PHE A 189 16.13 7.58 -24.85
N ASP A 190 14.87 7.22 -25.03
CA ASP A 190 13.75 7.93 -24.40
C ASP A 190 13.24 7.23 -23.14
N VAL A 191 13.27 5.90 -23.18
CA VAL A 191 12.75 5.09 -22.07
C VAL A 191 13.79 4.04 -21.70
N LEU A 192 14.03 3.91 -20.40
CA LEU A 192 14.92 2.87 -19.90
C LEU A 192 14.10 1.95 -19.00
N MET A 193 14.17 0.65 -19.23
CA MET A 193 13.50 -0.32 -18.37
C MET A 193 14.50 -1.28 -17.71
N VAL A 194 14.20 -1.65 -16.47
CA VAL A 194 15.07 -2.56 -15.68
C VAL A 194 14.28 -3.82 -15.33
N ALA A 195 14.80 -4.99 -15.74
CA ALA A 195 14.14 -6.26 -15.43
C ALA A 195 14.01 -6.47 -13.93
N ALA A 196 12.97 -7.21 -13.54
CA ALA A 196 12.80 -7.63 -12.14
C ALA A 196 14.04 -8.39 -11.66
N LEU A 197 14.63 -9.20 -12.53
CA LEU A 197 15.81 -10.01 -12.17
C LEU A 197 17.17 -9.35 -12.33
N ALA A 198 17.22 -8.10 -12.80
CA ALA A 198 18.50 -7.40 -12.96
C ALA A 198 19.14 -7.18 -11.60
N GLU A 199 20.35 -7.70 -11.41
CA GLU A 199 21.04 -7.63 -10.10
C GLU A 199 22.53 -7.31 -10.31
N PRO A 200 23.18 -6.70 -9.30
CA PRO A 200 22.63 -6.25 -8.02
C PRO A 200 22.01 -4.86 -8.15
N LYS A 201 20.82 -4.68 -7.57
CA LYS A 201 20.07 -3.44 -7.71
C LYS A 201 20.89 -2.19 -7.36
N ARG A 202 21.62 -2.23 -6.26
CA ARG A 202 22.35 -1.01 -5.86
C ARG A 202 23.30 -0.55 -6.95
N ARG A 203 24.15 -1.46 -7.42
CA ARG A 203 25.14 -1.12 -8.44
C ARG A 203 24.47 -0.63 -9.72
N VAL A 204 23.43 -1.35 -10.13
CA VAL A 204 22.73 -1.04 -11.36
C VAL A 204 22.11 0.37 -11.33
N PHE A 205 21.37 0.68 -10.26
CA PHE A 205 20.75 2.01 -10.19
C PHE A 205 21.77 3.13 -10.03
N ARG A 206 22.83 2.88 -9.29
CA ARG A 206 23.88 3.90 -9.15
C ARG A 206 24.52 4.20 -10.50
N ASN A 207 24.69 3.16 -11.35
CA ASN A 207 25.22 3.37 -12.69
C ASN A 207 24.24 4.10 -13.59
N ILE A 208 22.98 3.66 -13.56
CA ILE A 208 21.94 4.37 -14.33
C ILE A 208 21.94 5.85 -14.00
N HIS A 209 21.98 6.18 -12.71
CA HIS A 209 21.93 7.58 -12.28
C HIS A 209 23.01 8.42 -12.99
N ARG A 210 24.18 7.83 -13.20
CA ARG A 210 25.31 8.56 -13.84
C ARG A 210 25.08 8.88 -15.32
N TYR A 211 24.22 8.12 -16.00
CA TYR A 211 24.06 8.20 -17.46
C TYR A 211 22.73 8.64 -18.02
N VAL A 212 21.76 8.96 -17.18
CA VAL A 212 20.48 9.44 -17.71
C VAL A 212 20.37 10.92 -17.36
N ASP A 213 19.43 11.61 -17.98
CA ASP A 213 19.10 12.96 -17.49
C ASP A 213 17.74 12.97 -16.80
N THR A 214 17.29 14.16 -16.41
CA THR A 214 16.07 14.27 -15.62
C THR A 214 14.79 14.05 -16.43
N GLU A 215 14.91 13.98 -17.76
CA GLU A 215 13.76 13.74 -18.65
C GLU A 215 13.55 12.27 -19.05
N THR A 216 14.56 11.43 -18.82
CA THR A 216 14.51 10.02 -19.19
C THR A 216 13.47 9.30 -18.35
N ARG A 217 12.47 8.68 -18.99
CA ARG A 217 11.49 7.87 -18.25
C ARG A 217 12.16 6.55 -17.92
N ILE A 218 12.24 6.21 -16.63
CA ILE A 218 12.87 4.96 -16.15
C ILE A 218 11.81 4.12 -15.46
N ILE A 219 11.60 2.90 -15.94
CA ILE A 219 10.63 1.98 -15.33
C ILE A 219 11.33 0.74 -14.84
N TYR A 220 11.15 0.40 -13.57
CA TYR A 220 11.73 -0.83 -13.05
C TYR A 220 10.67 -1.74 -12.48
N ARG A 221 10.97 -3.03 -12.39
CA ARG A 221 9.98 -4.00 -11.92
C ARG A 221 10.36 -4.48 -10.52
N THR A 222 9.35 -4.65 -9.68
CA THR A 222 9.58 -5.05 -8.29
C THR A 222 8.41 -5.92 -7.84
N TYR A 223 8.29 -6.12 -6.52
CA TYR A 223 7.28 -7.00 -5.90
C TYR A 223 6.70 -6.29 -4.68
N THR A 224 5.38 -6.31 -4.56
CA THR A 224 4.71 -5.69 -3.42
C THR A 224 3.68 -6.66 -2.86
N GLY A 225 3.28 -6.42 -1.61
CA GLY A 225 2.20 -7.22 -1.03
C GLY A 225 2.61 -8.69 -0.92
N MET A 226 1.65 -9.61 -1.05
CA MET A 226 2.00 -11.03 -0.86
C MET A 226 2.89 -11.54 -2.00
N ARG A 227 2.91 -10.80 -3.12
CA ARG A 227 3.76 -11.19 -4.26
C ARG A 227 5.24 -11.09 -3.92
N ALA A 228 5.57 -10.36 -2.86
CA ALA A 228 6.94 -10.25 -2.35
C ALA A 228 7.47 -11.58 -1.78
N ILE A 229 6.57 -12.55 -1.63
CA ILE A 229 6.99 -13.90 -1.27
C ILE A 229 7.88 -14.49 -2.37
N LEU A 230 7.72 -13.99 -3.60
CA LEU A 230 8.43 -14.56 -4.76
C LEU A 230 9.88 -14.13 -4.89
N TYR A 231 10.19 -12.92 -4.42
CA TYR A 231 11.45 -12.25 -4.77
C TYR A 231 11.56 -10.99 -3.93
N ALA A 232 12.78 -10.66 -3.50
CA ALA A 232 12.96 -9.51 -2.61
C ALA A 232 12.58 -8.21 -3.33
N PRO A 233 11.73 -7.37 -2.71
CA PRO A 233 11.43 -6.08 -3.36
C PRO A 233 12.68 -5.16 -3.46
N VAL A 234 12.70 -4.30 -4.48
CA VAL A 234 13.70 -3.23 -4.60
C VAL A 234 13.62 -2.40 -3.31
N SER A 235 14.75 -2.15 -2.67
CA SER A 235 14.73 -1.40 -1.40
C SER A 235 14.74 0.10 -1.67
N ASP A 236 14.38 0.88 -0.66
CA ASP A 236 14.36 2.34 -0.81
C ASP A 236 15.77 2.89 -1.02
N ASP A 237 16.73 2.26 -0.37
CA ASP A 237 18.14 2.62 -0.55
C ASP A 237 18.60 2.44 -2.02
N ASP A 238 18.18 1.35 -2.64
CA ASP A 238 18.45 1.10 -4.07
C ASP A 238 18.15 2.25 -5.05
N ILE A 239 17.10 3.03 -4.79
CA ILE A 239 16.68 4.08 -5.73
C ILE A 239 16.97 5.50 -5.23
N THR A 240 17.95 5.62 -4.34
CA THR A 240 18.43 6.97 -3.94
C THR A 240 18.94 7.77 -5.15
N GLY A 241 18.59 9.05 -5.15
CA GLY A 241 18.87 9.92 -6.27
C GLY A 241 17.75 9.99 -7.29
N PHE A 242 16.70 9.19 -7.12
CA PHE A 242 15.56 9.19 -8.05
C PHE A 242 14.26 9.56 -7.30
N ARG A 243 13.29 10.04 -8.05
CA ARG A 243 11.95 10.31 -7.50
C ARG A 243 10.89 9.45 -8.18
N ARG A 244 10.01 8.86 -7.37
CA ARG A 244 8.92 8.06 -7.88
C ARG A 244 7.84 8.96 -8.43
N ALA A 245 7.36 8.62 -9.62
CA ALA A 245 6.37 9.42 -10.35
C ALA A 245 5.06 8.66 -10.62
N GLY A 246 5.07 7.34 -10.48
CA GLY A 246 3.86 6.55 -10.74
C GLY A 246 4.14 5.08 -10.52
N VAL A 247 3.08 4.30 -10.25
CA VAL A 247 3.18 2.86 -10.02
C VAL A 247 1.98 2.18 -10.66
N VAL A 248 2.17 0.99 -11.23
CA VAL A 248 1.07 0.08 -11.54
C VAL A 248 1.23 -1.18 -10.69
N LEU A 249 0.20 -1.45 -9.88
CA LEU A 249 0.17 -2.67 -9.06
C LEU A 249 -0.52 -3.77 -9.89
N PRO A 250 0.00 -5.00 -9.82
CA PRO A 250 -0.58 -6.02 -10.70
C PRO A 250 -1.90 -6.58 -10.20
N SER A 251 -2.61 -7.25 -11.11
CA SER A 251 -3.77 -8.05 -10.75
C SER A 251 -3.79 -9.31 -11.60
N GLY A 252 -4.72 -10.20 -11.32
CA GLY A 252 -4.76 -11.47 -12.01
C GLY A 252 -3.50 -12.23 -11.67
N LYS A 253 -2.84 -12.79 -12.68
CA LYS A 253 -1.69 -13.65 -12.48
C LYS A 253 -0.35 -12.92 -12.66
N VAL A 254 -0.40 -11.62 -12.98
CA VAL A 254 0.82 -10.82 -13.15
C VAL A 254 1.52 -10.69 -11.81
N ASN A 255 2.84 -10.91 -11.79
CA ASN A 255 3.59 -10.84 -10.54
C ASN A 255 4.22 -9.48 -10.23
N ASN A 256 4.75 -8.82 -11.26
CA ASN A 256 5.48 -7.58 -11.02
C ASN A 256 4.62 -6.34 -10.84
N THR A 257 5.08 -5.48 -9.92
CA THR A 257 4.68 -4.08 -9.79
C THR A 257 5.69 -3.30 -10.65
N SER A 258 5.19 -2.37 -11.45
CA SER A 258 6.02 -1.54 -12.30
C SER A 258 6.07 -0.11 -11.73
N VAL A 259 7.29 0.44 -11.61
CA VAL A 259 7.50 1.75 -10.98
C VAL A 259 8.18 2.72 -11.93
N LEU A 260 7.61 3.93 -12.09
CA LEU A 260 8.22 4.97 -12.95
C LEU A 260 8.98 5.92 -12.07
N VAL A 261 10.26 6.13 -12.38
CA VAL A 261 11.09 7.10 -11.62
C VAL A 261 11.82 8.06 -12.58
N PHE A 262 12.19 9.22 -12.03
CA PHE A 262 13.01 10.18 -12.76
C PHE A 262 14.23 10.51 -11.93
N LYS A 263 15.36 10.72 -12.60
CA LYS A 263 16.55 11.20 -11.92
C LYS A 263 16.24 12.57 -11.31
N CYS A 264 16.69 12.79 -10.08
CA CYS A 264 16.58 14.10 -9.42
C CYS A 264 17.49 15.16 -10.08
N PRO A 265 17.01 16.42 -10.18
CA PRO A 265 15.78 16.99 -9.64
C PRO A 265 14.58 16.85 -10.58
N SER B 2 16.41 11.63 -2.88
CA SER B 2 15.22 12.11 -3.64
C SER B 2 14.90 13.60 -3.51
N CYS B 3 13.79 13.99 -4.15
CA CYS B 3 13.59 15.38 -4.54
C CYS B 3 12.13 15.64 -4.91
N TYR B 4 11.23 15.43 -3.94
CA TYR B 4 9.81 15.58 -4.19
C TYR B 4 9.35 17.02 -4.05
N ILE B 5 8.55 17.47 -5.00
CA ILE B 5 8.10 18.86 -4.96
C ILE B 5 7.15 19.08 -3.77
N TYR B 6 6.47 18.01 -3.34
CA TYR B 6 5.65 18.10 -2.13
C TYR B 6 6.46 18.47 -0.90
N TRP B 7 7.74 18.13 -0.88
CA TRP B 7 8.58 18.48 0.28
C TRP B 7 8.60 19.96 0.55
N ASP B 8 8.92 20.78 -0.44
CA ASP B 8 8.88 22.23 -0.25
C ASP B 8 7.50 22.74 0.20
N LYS B 9 6.45 22.22 -0.45
CA LYS B 9 5.07 22.62 -0.13
C LYS B 9 4.75 22.33 1.35
N ILE B 10 5.11 21.14 1.80
CA ILE B 10 4.83 20.72 3.16
C ILE B 10 5.64 21.56 4.17
N LYS B 11 6.91 21.83 3.87
CA LYS B 11 7.76 22.61 4.76
C LYS B 11 7.21 24.02 4.89
N ARG B 12 6.72 24.59 3.78
CA ARG B 12 6.15 25.94 3.82
C ARG B 12 4.87 26.00 4.63
N ILE B 13 4.00 24.99 4.48
CA ILE B 13 2.81 24.93 5.36
C ILE B 13 3.22 24.81 6.81
N ALA B 14 4.17 23.93 7.11
CA ALA B 14 4.61 23.79 8.50
C ALA B 14 5.19 25.11 9.05
N SER B 15 5.91 25.86 8.22
CA SER B 15 6.45 27.15 8.64
C SER B 15 5.34 28.12 9.07
N ARG B 16 4.27 28.16 8.29
CA ARG B 16 3.13 28.99 8.62
C ARG B 16 2.46 28.52 9.90
N LEU B 17 2.37 27.20 10.11
CA LEU B 17 1.77 26.67 11.34
C LEU B 17 2.62 27.05 12.56
N GLU B 18 3.93 26.89 12.42
CA GLU B 18 4.87 27.22 13.50
C GLU B 18 4.74 28.69 13.90
N GLY B 19 4.71 29.59 12.91
CA GLY B 19 4.56 31.04 13.14
C GLY B 19 3.25 31.36 13.85
N MET B 20 2.18 30.71 13.41
CA MET B 20 0.85 30.88 14.02
C MET B 20 0.86 30.44 15.50
N ASN B 21 1.47 29.29 15.77
CA ASN B 21 1.53 28.73 17.13
C ASN B 21 2.31 29.64 18.09
N TYR B 22 3.28 30.37 17.54
CA TYR B 22 4.10 31.31 18.30
C TYR B 22 3.22 32.40 18.89
N HIS B 23 2.22 32.83 18.11
CA HIS B 23 1.35 33.94 18.53
C HIS B 23 0.12 33.56 19.33
N PHE B 24 -0.45 32.38 19.05
CA PHE B 24 -1.68 31.94 19.72
C PHE B 24 -1.64 30.46 20.08
N ASP B 25 -1.98 30.14 21.34
CA ASP B 25 -2.22 28.74 21.76
C ASP B 25 -3.63 28.29 21.39
N GLU B 26 -4.54 29.24 21.37
CA GLU B 26 -5.97 29.01 21.15
C GLU B 26 -6.23 29.08 19.63
N MET B 27 -6.78 28.01 19.06
CA MET B 27 -7.05 27.93 17.62
C MET B 27 -8.18 28.85 17.21
N ASP B 28 -7.99 29.57 16.09
CA ASP B 28 -9.08 30.31 15.43
C ASP B 28 -9.63 29.42 14.33
N THR B 29 -10.76 28.76 14.63
CA THR B 29 -11.28 27.75 13.76
C THR B 29 -11.59 28.26 12.36
N SER B 30 -12.32 29.37 12.27
CA SER B 30 -12.67 29.95 10.98
C SER B 30 -11.44 30.38 10.19
N GLY B 31 -10.49 31.02 10.89
CA GLY B 31 -9.30 31.59 10.24
C GLY B 31 -8.38 30.57 9.61
N VAL B 32 -8.38 29.34 10.15
CA VAL B 32 -7.44 28.29 9.68
C VAL B 32 -8.00 27.29 8.66
N MET B 33 -9.26 27.46 8.25
CA MET B 33 -9.86 26.57 7.26
C MET B 33 -9.07 26.51 5.92
N PRO B 34 -8.57 27.65 5.41
CA PRO B 34 -7.67 27.59 4.22
C PRO B 34 -6.44 26.69 4.42
N LEU B 35 -5.75 26.80 5.55
CA LEU B 35 -4.64 25.92 5.89
C LEU B 35 -5.05 24.44 5.88
N LEU B 36 -6.23 24.15 6.45
CA LEU B 36 -6.73 22.75 6.40
C LEU B 36 -6.95 22.30 4.96
N ASP B 37 -7.59 23.15 4.17
CA ASP B 37 -7.81 22.82 2.77
C ASP B 37 -6.50 22.57 2.00
N GLU B 38 -5.48 23.39 2.24
CA GLU B 38 -4.17 23.16 1.61
C GLU B 38 -3.58 21.80 1.98
N ILE B 39 -3.72 21.44 3.25
CA ILE B 39 -3.24 20.15 3.72
C ILE B 39 -4.05 18.99 3.11
N GLU B 40 -5.37 19.14 3.09
CA GLU B 40 -6.23 18.06 2.55
C GLU B 40 -6.05 17.88 1.04
N GLU B 41 -5.77 18.96 0.31
CA GLU B 41 -5.47 18.81 -1.11
C GLU B 41 -4.26 17.89 -1.35
N ILE B 42 -3.28 17.97 -0.47
CA ILE B 42 -2.12 17.06 -0.50
C ILE B 42 -2.53 15.64 -0.07
N ALA B 43 -3.23 15.55 1.05
CA ALA B 43 -3.69 14.25 1.56
C ALA B 43 -4.55 13.48 0.53
N HIS B 44 -5.38 14.21 -0.21
CA HIS B 44 -6.36 13.58 -1.09
C HIS B 44 -5.86 13.39 -2.52
N ASP B 45 -4.57 13.65 -2.75
CA ASP B 45 -3.96 13.45 -4.08
C ASP B 45 -3.96 11.95 -4.45
N SER B 46 -4.92 11.56 -5.27
CA SER B 46 -5.13 10.14 -5.58
C SER B 46 -4.12 9.58 -6.59
N THR B 47 -3.32 10.45 -7.19
CA THR B 47 -2.27 9.99 -8.11
C THR B 47 -1.11 9.33 -7.36
N ILE B 48 -1.02 9.52 -6.05
CA ILE B 48 0.12 8.95 -5.34
C ILE B 48 -0.15 7.63 -4.58
N ASP B 49 0.60 6.60 -5.00
CA ASP B 49 0.48 5.27 -4.42
C ASP B 49 1.03 5.24 -3.01
N PHE B 50 0.63 4.23 -2.27
CA PHE B 50 0.93 4.12 -0.85
C PHE B 50 2.42 4.08 -0.58
N GLU B 51 3.15 3.26 -1.34
CA GLU B 51 4.61 3.19 -1.19
C GLU B 51 5.30 4.54 -1.41
N SER B 52 4.91 5.26 -2.46
CA SER B 52 5.45 6.61 -2.72
C SER B 52 5.14 7.57 -1.57
N ALA B 53 3.94 7.45 -1.01
CA ALA B 53 3.54 8.26 0.15
C ALA B 53 4.50 8.13 1.32
N LYS B 54 4.92 6.90 1.62
CA LYS B 54 5.86 6.70 2.70
C LYS B 54 7.24 7.29 2.37
N HIS B 55 7.64 7.18 1.10
CA HIS B 55 8.87 7.79 0.63
C HIS B 55 8.81 9.31 0.80
N ILE B 56 7.68 9.93 0.50
CA ILE B 56 7.65 11.38 0.72
C ILE B 56 7.41 11.79 2.19
N LEU B 57 6.46 11.16 2.88
CA LEU B 57 6.07 11.62 4.22
C LEU B 57 7.06 11.23 5.31
N ASP B 58 7.60 10.02 5.23
CA ASP B 58 8.40 9.51 6.32
C ASP B 58 9.91 9.78 6.17
N ASP B 59 10.28 10.57 5.16
CA ASP B 59 11.68 10.95 4.96
C ASP B 59 12.16 11.68 6.21
N ALA B 60 13.39 11.42 6.62
CA ALA B 60 13.99 12.00 7.83
C ALA B 60 13.84 13.53 7.96
N GLU B 61 14.06 14.25 6.88
CA GLU B 61 14.02 15.71 6.95
C GLU B 61 12.59 16.29 6.89
N MET B 62 11.60 15.40 6.89
CA MET B 62 10.19 15.78 6.92
C MET B 62 9.60 15.65 8.34
N ASN B 63 10.37 15.09 9.29
CA ASN B 63 9.80 14.79 10.61
C ASN B 63 9.26 16.01 11.34
N HIS B 64 10.02 17.09 11.33
CA HIS B 64 9.62 18.32 12.03
C HIS B 64 8.33 18.90 11.44
N ALA B 65 8.29 19.01 10.11
CA ALA B 65 7.10 19.53 9.39
C ALA B 65 5.88 18.64 9.59
N LEU B 66 6.10 17.34 9.45
CA LEU B 66 5.01 16.37 9.66
C LEU B 66 4.42 16.45 11.08
N SER B 67 5.26 16.57 12.10
CA SER B 67 4.76 16.66 13.46
C SER B 67 3.91 17.93 13.65
N LEU B 68 4.30 19.04 13.02
CA LEU B 68 3.52 20.30 13.16
C LEU B 68 2.15 20.15 12.51
N ILE B 69 2.13 19.50 11.34
CA ILE B 69 0.88 19.30 10.59
C ILE B 69 -0.05 18.40 11.37
N ARG B 70 0.50 17.33 11.93
CA ARG B 70 -0.29 16.39 12.74
C ARG B 70 -0.85 17.04 14.02
N LYS B 71 -0.04 17.86 14.69
CA LYS B 71 -0.54 18.61 15.85
C LYS B 71 -1.69 19.55 15.46
N PHE B 72 -1.54 20.25 14.35
CA PHE B 72 -2.58 21.16 13.83
C PHE B 72 -3.88 20.43 13.57
N TYR B 73 -3.76 19.32 12.86
CA TYR B 73 -4.92 18.50 12.53
C TYR B 73 -5.69 18.05 13.77
N VAL B 74 -4.99 17.51 14.76
CA VAL B 74 -5.68 17.07 15.98
C VAL B 74 -6.33 18.23 16.72
N ASN B 75 -5.59 19.34 16.88
CA ASN B 75 -6.10 20.47 17.66
C ASN B 75 -7.29 21.13 16.98
N LEU B 76 -7.24 21.21 15.65
CA LEU B 76 -8.35 21.79 14.87
C LEU B 76 -9.59 20.91 14.98
N GLY B 77 -9.42 19.60 14.82
CA GLY B 77 -10.56 18.69 14.90
C GLY B 77 -11.25 18.75 16.25
N MET B 78 -10.45 18.78 17.31
CA MET B 78 -10.99 18.88 18.67
C MET B 78 -11.77 20.19 18.85
N LYS B 79 -11.20 21.30 18.38
CA LYS B 79 -11.84 22.60 18.55
C LYS B 79 -13.16 22.68 17.73
N LEU B 80 -13.15 22.15 16.51
CA LEU B 80 -14.35 22.11 15.68
C LEU B 80 -15.45 21.31 16.39
N GLU B 81 -15.11 20.15 16.94
CA GLU B 81 -16.08 19.35 17.71
C GLU B 81 -16.60 20.09 18.94
N MET B 82 -15.71 20.71 19.71
CA MET B 82 -16.10 21.46 20.90
C MET B 82 -17.09 22.54 20.53
N GLU B 83 -16.74 23.28 19.48
CA GLU B 83 -17.57 24.41 19.07
C GLU B 83 -18.93 23.93 18.57
N LYS B 84 -18.93 22.88 17.77
CA LYS B 84 -20.21 22.39 17.22
C LYS B 84 -21.09 21.76 18.32
N ALA B 85 -20.47 21.04 19.25
CA ALA B 85 -21.21 20.48 20.38
C ALA B 85 -22.01 21.58 21.10
N GLN B 86 -21.33 22.68 21.43
CA GLN B 86 -22.02 23.75 22.15
C GLN B 86 -23.14 24.36 21.28
N GLU B 87 -22.87 24.49 19.99
CA GLU B 87 -23.85 25.04 19.07
C GLU B 87 -25.11 24.17 19.02
N VAL B 88 -24.90 22.85 19.00
CA VAL B 88 -26.01 21.90 18.96
C VAL B 88 -26.85 22.03 20.24
N ILE B 89 -26.18 22.06 21.39
CA ILE B 89 -26.83 22.21 22.70
C ILE B 89 -27.72 23.47 22.78
N GLU B 90 -27.27 24.57 22.17
CA GLU B 90 -27.98 25.86 22.22
C GLU B 90 -29.06 26.05 21.15
N SER B 91 -29.05 25.18 20.13
CA SER B 91 -29.82 25.40 18.91
C SER B 91 -31.30 25.02 19.05
N ASP B 92 -32.18 25.83 18.47
CA ASP B 92 -33.60 25.45 18.33
C ASP B 92 -33.79 24.40 17.23
N SER B 93 -32.79 24.25 16.37
CA SER B 93 -32.87 23.26 15.30
C SER B 93 -31.63 22.41 15.33
N PRO B 94 -31.56 21.48 16.32
CA PRO B 94 -30.30 20.79 16.59
C PRO B 94 -29.77 19.94 15.45
N TRP B 95 -30.65 19.26 14.71
CA TRP B 95 -30.18 18.40 13.61
C TRP B 95 -29.62 19.22 12.44
N GLU B 96 -30.33 20.29 12.07
CA GLU B 96 -29.84 21.24 11.08
C GLU B 96 -28.45 21.76 11.47
N THR B 97 -28.28 22.13 12.75
CA THR B 97 -26.98 22.56 13.28
C THR B 97 -25.91 21.48 13.17
N LEU B 98 -26.26 20.25 13.56
CA LEU B 98 -25.34 19.10 13.45
C LEU B 98 -24.89 18.86 12.02
N ARG B 99 -25.83 18.91 11.08
CA ARG B 99 -25.50 18.61 9.69
C ARG B 99 -24.56 19.60 9.03
N SER B 100 -24.51 20.81 9.61
CA SER B 100 -23.64 21.85 9.06
C SER B 100 -22.21 21.65 9.55
N PHE B 101 -21.99 20.66 10.41
CA PHE B 101 -20.62 20.33 10.90
C PHE B 101 -19.72 20.04 9.70
N TYR B 102 -18.50 20.60 9.68
CA TYR B 102 -17.68 20.53 8.46
C TYR B 102 -17.49 19.12 7.90
N PHE B 103 -17.26 18.16 8.80
CA PHE B 103 -16.91 16.79 8.43
C PHE B 103 -18.15 15.88 8.34
N TYR B 104 -19.33 16.43 8.60
CA TYR B 104 -20.57 15.61 8.67
C TYR B 104 -20.75 14.60 7.50
N PRO B 105 -20.75 15.04 6.23
CA PRO B 105 -20.99 14.08 5.13
C PRO B 105 -19.95 12.96 5.10
N ARG B 106 -18.72 13.26 5.50
CA ARG B 106 -17.67 12.23 5.56
C ARG B 106 -18.00 11.12 6.55
N TYR B 107 -18.51 11.48 7.71
CA TYR B 107 -18.95 10.49 8.71
C TYR B 107 -20.01 9.54 8.16
N LEU B 108 -20.93 10.08 7.37
CA LEU B 108 -21.98 9.22 6.76
C LEU B 108 -21.34 8.17 5.86
N GLU B 109 -20.35 8.59 5.07
CA GLU B 109 -19.74 7.70 4.10
C GLU B 109 -18.87 6.69 4.83
N LEU B 110 -18.11 7.18 5.80
CA LEU B 110 -17.27 6.33 6.64
C LEU B 110 -18.06 5.22 7.38
N LEU B 111 -19.19 5.60 8.00
CA LEU B 111 -20.00 4.62 8.73
C LEU B 111 -20.61 3.58 7.80
N LYS B 112 -20.99 3.99 6.59
CA LYS B 112 -21.47 3.03 5.58
C LYS B 112 -20.37 1.98 5.30
N ASN B 113 -19.13 2.44 5.08
CA ASN B 113 -17.95 1.57 4.85
C ASN B 113 -17.83 0.54 5.99
N GLU B 114 -17.91 1.05 7.22
CA GLU B 114 -17.70 0.25 8.43
C GLU B 114 -18.85 -0.72 8.69
N ALA B 115 -20.07 -0.30 8.41
CA ALA B 115 -21.25 -1.16 8.63
C ALA B 115 -21.20 -2.36 7.70
N ALA B 116 -20.69 -2.16 6.47
CA ALA B 116 -20.51 -3.28 5.54
C ALA B 116 -19.36 -4.18 6.03
N LEU B 117 -18.23 -3.56 6.37
CA LEU B 117 -17.07 -4.29 6.87
C LEU B 117 -17.41 -5.10 8.12
N GLY B 118 -18.17 -4.49 9.03
CA GLY B 118 -18.47 -5.09 10.33
C GLY B 118 -19.76 -5.88 10.37
N ARG B 119 -20.46 -5.97 9.22
CA ARG B 119 -21.74 -6.65 9.13
C ARG B 119 -22.67 -6.21 10.27
N PHE B 120 -22.84 -4.90 10.44
CA PHE B 120 -23.69 -4.40 11.55
C PHE B 120 -25.12 -4.80 11.34
N ARG B 121 -25.75 -5.23 12.41
CA ARG B 121 -27.17 -5.60 12.40
C ARG B 121 -27.95 -4.81 13.46
N ARG B 122 -29.19 -4.42 13.15
CA ARG B 122 -30.02 -3.69 14.11
C ARG B 122 -30.14 -4.48 15.41
N GLY B 123 -30.00 -3.78 16.53
CA GLY B 123 -30.10 -4.38 17.85
C GLY B 123 -28.80 -4.91 18.43
N GLU B 124 -27.76 -5.07 17.60
CA GLU B 124 -26.44 -5.46 18.15
C GLU B 124 -25.92 -4.38 19.08
N ARG B 125 -25.12 -4.80 20.06
CA ARG B 125 -24.50 -3.89 21.03
C ARG B 125 -23.14 -3.47 20.49
N ALA B 126 -22.90 -2.16 20.47
CA ALA B 126 -21.62 -1.62 20.00
C ALA B 126 -21.02 -0.74 21.10
N VAL B 127 -19.70 -0.83 21.25
CA VAL B 127 -18.96 0.09 22.11
C VAL B 127 -17.99 0.88 21.25
N PHE B 128 -17.97 2.21 21.43
CA PHE B 128 -17.06 3.09 20.69
C PHE B 128 -16.09 3.76 21.67
N ILE B 129 -14.80 3.46 21.53
CA ILE B 129 -13.77 4.03 22.41
C ILE B 129 -13.24 5.33 21.82
N GLY B 130 -13.44 6.45 22.56
CA GLY B 130 -12.96 7.78 22.13
C GLY B 130 -14.03 8.70 21.55
N GLY B 131 -15.13 8.91 22.27
CA GLY B 131 -16.27 9.68 21.77
C GLY B 131 -16.01 11.12 21.38
N GLY B 132 -15.22 11.79 22.21
CA GLY B 132 -15.02 13.24 22.04
C GLY B 132 -16.26 14.06 22.39
N PRO B 133 -16.19 15.39 22.16
CA PRO B 133 -17.32 16.28 22.48
C PRO B 133 -18.56 16.08 21.61
N LEU B 134 -18.33 15.59 20.38
CA LEU B 134 -19.40 15.49 19.39
C LEU B 134 -19.39 14.03 18.93
N PRO B 135 -20.15 13.19 19.63
CA PRO B 135 -20.06 11.73 19.45
C PRO B 135 -20.87 11.24 18.26
N LEU B 136 -20.47 11.70 17.07
CA LEU B 136 -21.22 11.46 15.84
C LEU B 136 -21.29 9.99 15.49
N THR B 137 -20.20 9.25 15.69
CA THR B 137 -20.25 7.82 15.33
C THR B 137 -21.31 7.12 16.20
N GLY B 138 -21.21 7.32 17.52
CA GLY B 138 -22.22 6.79 18.45
C GLY B 138 -23.65 7.16 18.06
N ILE B 139 -23.87 8.45 17.80
CA ILE B 139 -25.20 8.95 17.38
C ILE B 139 -25.68 8.20 16.13
N LEU B 140 -24.83 8.13 15.11
CA LEU B 140 -25.18 7.43 13.84
C LEU B 140 -25.39 5.93 14.04
N LEU B 141 -24.56 5.30 14.85
CA LEU B 141 -24.77 3.86 15.09
C LEU B 141 -26.19 3.54 15.61
N SER B 142 -26.73 4.44 16.44
CA SER B 142 -28.13 4.28 16.91
C SER B 142 -29.15 4.80 15.91
N HIS B 143 -29.00 6.05 15.49
CA HIS B 143 -29.96 6.77 14.66
C HIS B 143 -30.16 6.08 13.30
N VAL B 144 -29.07 5.66 12.69
CA VAL B 144 -29.10 5.06 11.35
C VAL B 144 -29.09 3.53 11.45
N TYR B 145 -28.19 2.96 12.25
CA TYR B 145 -27.97 1.50 12.22
C TYR B 145 -28.78 0.70 13.26
N GLY B 146 -29.48 1.41 14.13
CA GLY B 146 -30.27 0.78 15.18
C GLY B 146 -29.53 -0.10 16.18
N MET B 147 -28.24 0.20 16.39
CA MET B 147 -27.47 -0.49 17.40
C MET B 147 -27.67 0.14 18.78
N ARG B 148 -27.41 -0.65 19.84
CA ARG B 148 -27.49 -0.22 21.22
C ARG B 148 -26.04 0.14 21.59
N VAL B 149 -25.80 1.41 21.91
CA VAL B 149 -24.44 1.94 21.88
C VAL B 149 -23.98 2.47 23.24
N ASN B 150 -22.76 2.11 23.62
CA ASN B 150 -22.02 2.78 24.69
C ASN B 150 -20.83 3.51 24.07
N VAL B 151 -20.75 4.82 24.31
CA VAL B 151 -19.60 5.62 23.88
C VAL B 151 -18.72 5.84 25.09
N VAL B 152 -17.41 5.65 24.94
CA VAL B 152 -16.49 5.78 26.07
C VAL B 152 -15.63 7.03 25.87
N GLU B 153 -15.56 7.89 26.90
CA GLU B 153 -14.77 9.13 26.81
C GLU B 153 -13.99 9.32 28.12
N ILE B 154 -12.69 9.53 28.00
CA ILE B 154 -11.81 9.57 29.18
C ILE B 154 -11.90 10.91 29.96
N GLU B 155 -12.20 12.01 29.28
CA GLU B 155 -12.24 13.33 29.94
C GLU B 155 -13.63 13.63 30.49
N PRO B 156 -13.77 13.74 31.82
CA PRO B 156 -15.08 13.92 32.43
C PRO B 156 -15.92 15.08 31.86
N ASP B 157 -15.29 16.22 31.62
CA ASP B 157 -16.01 17.39 31.11
C ASP B 157 -16.45 17.23 29.64
N ILE B 158 -15.62 16.53 28.87
CA ILE B 158 -15.95 16.18 27.47
C ILE B 158 -17.09 15.15 27.44
N ALA B 159 -16.99 14.11 28.27
CA ALA B 159 -18.10 13.15 28.42
C ALA B 159 -19.43 13.86 28.76
N GLU B 160 -19.41 14.79 29.72
CA GLU B 160 -20.63 15.54 30.11
C GLU B 160 -21.26 16.33 28.95
N LEU B 161 -20.39 16.99 28.18
CA LEU B 161 -20.77 17.78 27.02
C LEU B 161 -21.42 16.85 26.02
N SER B 162 -20.79 15.69 25.77
CA SER B 162 -21.33 14.74 24.80
C SER B 162 -22.74 14.26 25.20
N ARG B 163 -22.97 14.05 26.49
CA ARG B 163 -24.29 13.62 26.96
C ARG B 163 -25.34 14.68 26.66
N LYS B 164 -24.97 15.94 26.82
CA LYS B 164 -25.89 17.05 26.50
C LYS B 164 -26.21 17.17 24.99
N VAL B 165 -25.23 16.84 24.14
CA VAL B 165 -25.43 16.80 22.69
C VAL B 165 -26.46 15.70 22.34
N ILE B 166 -26.23 14.50 22.87
CA ILE B 166 -27.13 13.36 22.61
C ILE B 166 -28.57 13.71 23.04
N GLU B 167 -28.71 14.30 24.22
CA GLU B 167 -30.02 14.69 24.76
C GLU B 167 -30.67 15.77 23.88
N GLY B 168 -29.88 16.78 23.49
CA GLY B 168 -30.34 17.83 22.60
C GLY B 168 -30.89 17.33 21.27
N LEU B 169 -30.30 16.25 20.75
CA LEU B 169 -30.71 15.66 19.46
C LEU B 169 -31.86 14.67 19.63
N GLY B 170 -32.19 14.37 20.89
CA GLY B 170 -33.27 13.43 21.20
C GLY B 170 -32.91 12.02 20.74
N VAL B 171 -31.63 11.68 20.74
CA VAL B 171 -31.22 10.35 20.29
C VAL B 171 -31.29 9.32 21.41
N ASP B 172 -32.04 8.24 21.19
CA ASP B 172 -32.15 7.15 22.15
C ASP B 172 -31.06 6.11 21.88
N GLY B 173 -30.80 5.26 22.87
CA GLY B 173 -29.90 4.12 22.67
C GLY B 173 -28.42 4.45 22.58
N VAL B 174 -28.05 5.63 23.09
CA VAL B 174 -26.63 6.03 23.16
C VAL B 174 -26.30 6.49 24.60
N ASN B 175 -25.54 5.67 25.31
CA ASN B 175 -25.13 5.97 26.67
C ASN B 175 -23.66 6.36 26.64
N VAL B 176 -23.25 7.31 27.47
CA VAL B 176 -21.84 7.69 27.51
C VAL B 176 -21.19 7.24 28.84
N ILE B 177 -20.06 6.53 28.72
CA ILE B 177 -19.30 6.02 29.86
C ILE B 177 -18.05 6.88 30.02
N THR B 178 -17.84 7.37 31.23
CA THR B 178 -16.66 8.15 31.54
C THR B 178 -15.62 7.17 32.03
N GLY B 179 -14.54 7.03 31.28
CA GLY B 179 -13.46 6.14 31.68
C GLY B 179 -12.52 5.89 30.54
N ASP B 180 -11.54 5.04 30.80
CA ASP B 180 -10.61 4.62 29.72
C ASP B 180 -11.09 3.30 29.13
N GLU B 181 -10.27 2.70 28.25
CA GLU B 181 -10.71 1.53 27.48
C GLU B 181 -10.96 0.30 28.36
N THR B 182 -10.42 0.35 29.56
CA THR B 182 -10.52 -0.72 30.52
C THR B 182 -11.99 -0.92 31.02
N VAL B 183 -12.86 0.07 30.79
CA VAL B 183 -14.30 -0.10 31.10
C VAL B 183 -14.94 -1.25 30.31
N ILE B 184 -14.34 -1.64 29.18
CA ILE B 184 -14.97 -2.73 28.42
C ILE B 184 -15.00 -4.08 29.14
N ASP B 185 -14.20 -4.28 30.18
CA ASP B 185 -14.29 -5.55 30.89
C ASP B 185 -15.68 -5.70 31.49
N GLY B 186 -16.22 -4.57 31.93
CA GLY B 186 -17.55 -4.51 32.56
C GLY B 186 -18.75 -4.42 31.63
N LEU B 187 -18.52 -4.54 30.31
CA LEU B 187 -19.59 -4.38 29.32
C LEU B 187 -19.73 -5.62 28.45
N GLU B 188 -20.97 -5.86 27.99
CA GLU B 188 -21.24 -6.87 26.97
C GLU B 188 -21.36 -6.15 25.63
N PHE B 189 -20.72 -6.67 24.58
CA PHE B 189 -20.86 -6.04 23.25
C PHE B 189 -20.59 -7.04 22.13
N ASP B 190 -21.25 -6.77 20.99
CA ASP B 190 -21.07 -7.53 19.74
C ASP B 190 -19.98 -6.95 18.85
N VAL B 191 -19.88 -5.62 18.83
CA VAL B 191 -18.78 -4.97 18.11
C VAL B 191 -18.11 -3.88 18.94
N LEU B 192 -16.78 -3.82 18.82
CA LEU B 192 -15.97 -2.79 19.46
C LEU B 192 -15.32 -1.91 18.38
N MET B 193 -15.50 -0.59 18.50
CA MET B 193 -14.84 0.35 17.57
C MET B 193 -13.84 1.25 18.32
N VAL B 194 -12.69 1.49 17.69
CA VAL B 194 -11.62 2.28 18.30
C VAL B 194 -11.44 3.52 17.42
N ALA B 195 -11.69 4.70 18.00
CA ALA B 195 -11.54 5.98 17.29
C ALA B 195 -10.16 6.18 16.70
N ALA B 196 -10.09 6.92 15.61
CA ALA B 196 -8.80 7.23 14.95
C ALA B 196 -7.91 7.96 15.96
N LEU B 197 -8.53 8.76 16.81
CA LEU B 197 -7.78 9.59 17.73
C LEU B 197 -7.60 8.98 19.13
N ALA B 198 -8.10 7.75 19.34
CA ALA B 198 -7.93 7.08 20.64
C ALA B 198 -6.44 6.78 20.88
N GLU B 199 -5.93 7.20 22.03
CA GLU B 199 -4.49 7.06 22.32
C GLU B 199 -4.20 6.69 23.78
N PRO B 200 -3.01 6.13 24.03
CA PRO B 200 -2.00 5.70 23.06
C PRO B 200 -2.37 4.35 22.45
N LYS B 201 -2.09 4.14 21.17
CA LYS B 201 -2.52 2.91 20.48
C LYS B 201 -2.03 1.62 21.15
N ARG B 202 -0.75 1.58 21.52
CA ARG B 202 -0.17 0.36 22.05
C ARG B 202 -0.92 -0.09 23.30
N ARG B 203 -1.10 0.83 24.24
CA ARG B 203 -1.83 0.55 25.48
C ARG B 203 -3.28 0.17 25.20
N VAL B 204 -3.93 0.92 24.32
CA VAL B 204 -5.37 0.69 24.01
C VAL B 204 -5.56 -0.75 23.52
N PHE B 205 -4.76 -1.18 22.55
CA PHE B 205 -4.87 -2.56 22.06
C PHE B 205 -4.45 -3.66 23.05
N ARG B 206 -3.44 -3.38 23.89
CA ARG B 206 -3.07 -4.35 24.94
C ARG B 206 -4.25 -4.54 25.89
N ASN B 207 -4.90 -3.44 26.30
CA ASN B 207 -6.05 -3.52 27.19
C ASN B 207 -7.24 -4.25 26.53
N ILE B 208 -7.53 -3.90 25.27
CA ILE B 208 -8.58 -4.58 24.52
C ILE B 208 -8.31 -6.10 24.50
N HIS B 209 -7.05 -6.48 24.27
CA HIS B 209 -6.67 -7.90 24.15
C HIS B 209 -7.02 -8.70 25.40
N ARG B 210 -6.83 -8.11 26.59
CA ARG B 210 -7.21 -8.75 27.86
C ARG B 210 -8.70 -9.03 27.99
N TYR B 211 -9.53 -8.20 27.37
CA TYR B 211 -10.96 -8.12 27.72
C TYR B 211 -11.96 -8.54 26.66
N VAL B 212 -11.47 -9.01 25.53
CA VAL B 212 -12.32 -9.53 24.47
C VAL B 212 -12.02 -11.00 24.22
N ASP B 213 -12.95 -11.68 23.58
CA ASP B 213 -12.75 -13.06 23.14
C ASP B 213 -12.43 -13.08 21.65
N THR B 214 -12.24 -14.28 21.09
CA THR B 214 -11.81 -14.41 19.70
C THR B 214 -12.93 -14.25 18.66
N GLU B 215 -14.19 -14.12 19.09
CA GLU B 215 -15.33 -14.03 18.17
C GLU B 215 -15.85 -12.60 18.00
N THR B 216 -15.40 -11.70 18.86
CA THR B 216 -15.88 -10.33 18.84
C THR B 216 -15.23 -9.47 17.76
N ARG B 217 -16.06 -8.86 16.92
CA ARG B 217 -15.58 -7.96 15.86
C ARG B 217 -15.01 -6.69 16.44
N ILE B 218 -13.83 -6.30 15.99
CA ILE B 218 -13.12 -5.08 16.44
C ILE B 218 -12.78 -4.29 15.19
N ILE B 219 -13.25 -3.04 15.11
CA ILE B 219 -12.91 -2.16 14.00
C ILE B 219 -12.13 -0.98 14.51
N TYR B 220 -10.94 -0.76 13.94
CA TYR B 220 -10.21 0.45 14.27
C TYR B 220 -9.99 1.34 13.07
N ARG B 221 -9.79 2.63 13.35
CA ARG B 221 -9.56 3.58 12.27
C ARG B 221 -8.10 3.97 12.23
N THR B 222 -7.58 4.11 11.01
CA THR B 222 -6.18 4.48 10.83
C THR B 222 -6.03 5.40 9.60
N TYR B 223 -4.80 5.66 9.20
CA TYR B 223 -4.48 6.56 8.08
C TYR B 223 -3.47 5.87 7.18
N THR B 224 -3.74 5.83 5.88
CA THR B 224 -2.82 5.20 4.93
C THR B 224 -2.54 6.11 3.75
N GLY B 225 -1.49 5.80 2.99
CA GLY B 225 -1.12 6.65 1.86
C GLY B 225 -0.85 8.07 2.31
N MET B 226 -1.19 9.01 1.44
CA MET B 226 -0.90 10.44 1.63
C MET B 226 -1.76 11.01 2.77
N ARG B 227 -2.84 10.30 3.12
CA ARG B 227 -3.65 10.69 4.27
C ARG B 227 -2.92 10.57 5.61
N ALA B 228 -1.82 9.80 5.63
CA ALA B 228 -0.93 9.75 6.80
C ALA B 228 -0.28 11.12 7.11
N ILE B 229 -0.43 12.10 6.22
CA ILE B 229 0.06 13.47 6.49
C ILE B 229 -0.71 14.05 7.70
N LEU B 230 -1.91 13.53 7.92
CA LEU B 230 -2.82 14.04 8.95
C LEU B 230 -2.52 13.54 10.36
N TYR B 231 -2.08 12.28 10.48
CA TYR B 231 -1.99 11.60 11.77
C TYR B 231 -1.21 10.31 11.64
N ALA B 232 -0.58 9.91 12.73
CA ALA B 232 0.26 8.73 12.76
C ALA B 232 -0.61 7.47 12.66
N PRO B 233 -0.29 6.60 11.70
CA PRO B 233 -1.03 5.32 11.52
C PRO B 233 -0.87 4.36 12.69
N VAL B 234 -1.84 3.47 12.87
CA VAL B 234 -1.74 2.33 13.79
C VAL B 234 -0.69 1.40 13.19
N SER B 235 0.29 1.02 13.99
CA SER B 235 1.39 0.18 13.49
C SER B 235 1.05 -1.29 13.65
N ASP B 236 1.72 -2.14 12.87
CA ASP B 236 1.47 -3.56 13.01
C ASP B 236 1.86 -4.07 14.41
N ASP B 237 2.87 -3.46 15.01
CA ASP B 237 3.24 -3.82 16.38
C ASP B 237 2.12 -3.51 17.38
N ASP B 238 1.43 -2.39 17.19
CA ASP B 238 0.27 -2.02 18.04
C ASP B 238 -0.77 -3.14 18.10
N ILE B 239 -0.97 -3.84 16.97
CA ILE B 239 -2.00 -4.88 16.92
C ILE B 239 -1.46 -6.30 17.14
N THR B 240 -0.30 -6.43 17.80
CA THR B 240 0.17 -7.78 18.15
C THR B 240 -0.89 -8.53 18.96
N GLY B 241 -1.15 -9.78 18.58
CA GLY B 241 -2.19 -10.59 19.25
C GLY B 241 -3.55 -10.54 18.57
N PHE B 242 -3.64 -9.75 17.50
CA PHE B 242 -4.81 -9.67 16.62
C PHE B 242 -4.45 -10.03 15.18
N ARG B 243 -5.47 -10.45 14.42
CA ARG B 243 -5.27 -10.70 12.96
C ARG B 243 -6.25 -9.84 12.17
N ARG B 244 -5.74 -9.19 11.11
CA ARG B 244 -6.58 -8.42 10.20
C ARG B 244 -7.47 -9.33 9.39
N ALA B 245 -8.74 -8.96 9.27
CA ALA B 245 -9.73 -9.78 8.58
C ALA B 245 -10.53 -8.97 7.54
N GLY B 246 -10.10 -7.75 7.26
CA GLY B 246 -10.74 -6.91 6.23
C GLY B 246 -10.31 -5.46 6.38
N VAL B 247 -10.33 -4.72 5.29
CA VAL B 247 -9.89 -3.30 5.29
C VAL B 247 -10.75 -2.56 4.29
N VAL B 248 -11.15 -1.34 4.64
CA VAL B 248 -11.77 -0.47 3.67
C VAL B 248 -10.92 0.78 3.52
N LEU B 249 -10.41 1.00 2.32
CA LEU B 249 -9.63 2.21 2.00
C LEU B 249 -10.57 3.34 1.59
N PRO B 250 -10.32 4.58 2.10
CA PRO B 250 -11.26 5.65 1.80
C PRO B 250 -11.07 6.22 0.41
N SER B 251 -12.10 6.92 -0.06
CA SER B 251 -12.04 7.72 -1.28
C SER B 251 -12.81 9.01 -1.07
N GLY B 252 -12.88 9.87 -2.08
CA GLY B 252 -13.54 11.15 -1.90
C GLY B 252 -12.74 11.93 -0.87
N LYS B 253 -13.44 12.55 0.07
CA LYS B 253 -12.84 13.36 1.14
C LYS B 253 -12.71 12.60 2.48
N VAL B 254 -13.14 11.35 2.51
CA VAL B 254 -13.00 10.58 3.74
C VAL B 254 -11.52 10.39 4.05
N ASN B 255 -11.15 10.58 5.31
CA ASN B 255 -9.75 10.45 5.70
C ASN B 255 -9.31 9.11 6.26
N ASN B 256 -10.19 8.46 7.03
CA ASN B 256 -9.83 7.22 7.69
C ASN B 256 -9.96 5.95 6.84
N THR B 257 -8.96 5.09 7.01
CA THR B 257 -9.02 3.67 6.63
C THR B 257 -9.59 2.92 7.84
N SER B 258 -10.49 1.98 7.57
CA SER B 258 -11.14 1.18 8.61
C SER B 258 -10.68 -0.28 8.52
N VAL B 259 -10.25 -0.86 9.64
CA VAL B 259 -9.67 -2.22 9.65
C VAL B 259 -10.45 -3.12 10.63
N LEU B 260 -10.83 -4.30 10.16
CA LEU B 260 -11.50 -5.29 11.00
C LEU B 260 -10.45 -6.28 11.50
N VAL B 261 -10.40 -6.48 12.81
CA VAL B 261 -9.50 -7.50 13.38
C VAL B 261 -10.26 -8.40 14.33
N PHE B 262 -9.69 -9.57 14.56
CA PHE B 262 -10.14 -10.45 15.64
C PHE B 262 -8.95 -10.81 16.54
N LYS B 263 -9.23 -10.99 17.83
CA LYS B 263 -8.20 -11.48 18.77
C LYS B 263 -7.76 -12.88 18.34
N CYS B 264 -6.46 -13.14 18.42
CA CYS B 264 -5.93 -14.47 18.17
C CYS B 264 -6.08 -15.35 19.41
N PRO B 265 -6.02 -16.68 19.23
CA PRO B 265 -5.77 -17.41 18.03
C PRO B 265 -6.90 -18.35 17.62
O8 TNA C . 8.08 -13.02 -13.35
C12 TNA C . 7.09 -13.76 -13.19
O7 TNA C . 6.89 -14.37 -12.11
C10 TNA C . 6.04 -13.91 -14.28
C9 TNA C . 6.23 -13.04 -15.54
C8 TNA C . 6.19 -11.53 -15.33
C11 TNA C . 5.10 -11.06 -14.40
O6 TNA C . 5.38 -10.16 -13.61
O5 TNA C . 3.96 -11.57 -14.45
N3 TNA C . 7.50 -11.02 -14.88
C7 TNA C . 8.57 -10.70 -15.83
C6 TNA C . 9.94 -11.14 -15.31
C4 TNA C . 11.12 -10.75 -16.21
C5 TNA C . 11.88 -9.68 -15.46
O3 TNA C . 12.82 -10.06 -14.71
O4 TNA C . 11.53 -8.48 -15.65
N2 TNA C . 11.94 -11.92 -16.53
C3 TNA C . 13.26 -11.79 -17.16
C2 TNA C . 13.28 -10.73 -18.28
C1 TNA C . 12.52 -11.29 -19.50
N1 TNA C . 13.43 -12.13 -20.27
C TNA C . 11.94 -10.16 -20.31
O2 TNA C . 11.25 -9.30 -19.72
O1 TNA C . 12.12 -10.13 -21.54
O8 TNA D . -10.19 13.92 9.33
C12 TNA D . -11.26 13.44 9.83
O7 TNA D . -11.26 12.81 10.90
C10 TNA D . -12.56 13.65 9.08
C9 TNA D . -13.73 12.83 9.67
C8 TNA D . -13.64 11.30 9.49
C11 TNA D . -13.05 10.83 8.18
O6 TNA D . -12.17 9.96 8.22
O5 TNA D . -13.43 11.32 7.10
N3 TNA D . -12.90 10.73 10.61
C7 TNA D . -13.54 10.55 11.92
C6 TNA D . -12.46 10.62 12.99
C4 TNA D . -13.01 10.43 14.39
C5 TNA D . -12.16 9.38 15.05
O3 TNA D . -11.20 9.73 15.78
O4 TNA D . -12.49 8.16 14.91
N2 TNA D . -12.99 11.71 15.09
C3 TNA D . -13.16 11.82 16.53
C2 TNA D . -14.28 10.93 17.12
C1 TNA D . -15.68 11.42 16.70
N1 TNA D . -16.24 12.36 17.68
C TNA D . -16.63 10.27 16.41
O2 TNA D . -16.32 9.33 15.61
O1 TNA D . -17.73 10.30 16.97
BR BR E . -3.61 31.26 5.60
BR BR F . -33.64 20.50 13.29
#